data_6XAU
#
_entry.id   6XAU
#
_cell.length_a   44.421
_cell.length_b   44.421
_cell.length_c   147.317
_cell.angle_alpha   90.000
_cell.angle_beta   90.000
_cell.angle_gamma   90.000
#
_symmetry.space_group_name_H-M   'P 43 21 2'
#
loop_
_entity.id
_entity.type
_entity.pdbx_description
1 polymer 'Histone-lysine N-methyltransferase MECOM'
2 water water
#
_entity_poly.entity_id   1
_entity_poly.type   'polypeptide(L)'
_entity_poly.pdbx_seq_one_letter_code
;GSGDDIPIPDEFELRESTMPGAGLGIWTKRKIEIGEKFGPYMGEQRSDLKDSSYGWEILDEFCNVKFCIDASQPDVGSWL
KYIRFAGCYDQHNLVACQINDQIFYRVVADIAPGEELLLFMKS
;
_entity_poly.pdbx_strand_id   A
#
# COMPACT_ATOMS: atom_id res chain seq x y z
N ASP A 5 18.78 2.38 -2.25
CA ASP A 5 17.51 1.65 -2.28
C ASP A 5 16.39 2.42 -1.62
N ILE A 6 15.21 1.82 -1.64
CA ILE A 6 14.05 2.33 -0.90
C ILE A 6 14.17 1.79 0.52
N PRO A 7 14.28 2.65 1.53
CA PRO A 7 14.51 2.16 2.89
C PRO A 7 13.25 1.58 3.53
N ILE A 8 13.43 0.45 4.20
CA ILE A 8 12.36 -0.24 4.93
C ILE A 8 12.51 0.10 6.40
N PRO A 9 11.45 0.59 7.07
CA PRO A 9 11.55 0.87 8.50
C PRO A 9 12.00 -0.35 9.28
N ASP A 10 12.66 -0.10 10.43
CA ASP A 10 13.23 -1.20 11.21
C ASP A 10 12.16 -2.11 11.82
N GLU A 11 10.93 -1.58 11.99
CA GLU A 11 9.81 -2.30 12.57
C GLU A 11 9.13 -3.23 11.57
N PHE A 12 9.53 -3.20 10.30
CA PHE A 12 8.97 -4.06 9.27
C PHE A 12 10.08 -4.87 8.60
N GLU A 13 9.69 -5.94 7.94
CA GLU A 13 10.63 -6.82 7.24
C GLU A 13 10.16 -6.97 5.80
N LEU A 14 11.08 -6.89 4.86
CA LEU A 14 10.77 -7.13 3.45
C LEU A 14 11.14 -8.57 3.12
N ARG A 15 10.15 -9.42 2.85
CA ARG A 15 10.41 -10.83 2.56
C ARG A 15 9.21 -11.45 1.86
N GLU A 16 9.40 -12.71 1.46
CA GLU A 16 8.46 -13.41 0.59
C GLU A 16 7.01 -13.30 1.05
N SER A 17 6.16 -12.75 0.19
CA SER A 17 4.74 -12.64 0.48
C SER A 17 4.09 -14.03 0.49
N THR A 18 3.01 -14.15 1.29
CA THR A 18 2.15 -15.32 1.27
C THR A 18 1.13 -15.28 0.13
N MET A 19 1.05 -14.16 -0.58
CA MET A 19 0.20 -14.07 -1.76
C MET A 19 0.91 -14.76 -2.91
N PRO A 20 0.32 -15.79 -3.52
CA PRO A 20 1.03 -16.54 -4.56
C PRO A 20 1.50 -15.63 -5.69
N GLY A 21 2.77 -15.80 -6.08
CA GLY A 21 3.35 -15.05 -7.17
C GLY A 21 3.55 -13.56 -6.94
N ALA A 22 3.32 -13.07 -5.71
CA ALA A 22 3.41 -11.64 -5.47
C ALA A 22 4.84 -11.16 -5.27
N GLY A 23 5.77 -12.04 -4.90
CA GLY A 23 7.12 -11.58 -4.63
C GLY A 23 7.30 -11.11 -3.18
N LEU A 24 8.12 -10.08 -2.96
CA LEU A 24 8.38 -9.64 -1.59
C LEU A 24 7.24 -8.78 -1.06
N GLY A 25 6.80 -9.10 0.17
CA GLY A 25 5.81 -8.32 0.88
C GLY A 25 6.37 -7.67 2.13
N ILE A 26 5.50 -6.98 2.85
CA ILE A 26 5.86 -6.28 4.08
C ILE A 26 5.27 -7.00 5.26
N TRP A 27 6.10 -7.33 6.25
CA TRP A 27 5.70 -8.03 7.45
C TRP A 27 6.04 -7.18 8.67
N THR A 28 5.17 -7.19 9.67
CA THR A 28 5.45 -6.43 10.87
C THR A 28 6.09 -7.29 11.95
N LYS A 29 6.93 -6.65 12.77
CA LYS A 29 7.45 -7.26 13.98
C LYS A 29 6.73 -6.78 15.22
N ARG A 30 6.08 -5.61 15.15
CA ARG A 30 5.33 -5.05 16.25
C ARG A 30 3.83 -5.30 16.05
N LYS A 31 3.09 -5.35 17.15
CA LYS A 31 1.63 -5.33 17.07
C LYS A 31 1.16 -4.00 16.50
N ILE A 32 0.19 -4.06 15.58
CA ILE A 32 -0.40 -2.88 14.96
C ILE A 32 -1.90 -2.90 15.21
N GLU A 33 -2.42 -1.86 15.86
CA GLU A 33 -3.82 -1.78 16.23
C GLU A 33 -4.65 -1.07 15.16
N ILE A 34 -5.96 -1.35 15.18
CA ILE A 34 -6.90 -0.71 14.25
C ILE A 34 -6.82 0.80 14.40
N GLY A 35 -6.86 1.50 13.28
CA GLY A 35 -6.88 2.95 13.31
C GLY A 35 -5.55 3.61 13.04
N GLU A 36 -4.45 2.86 13.11
CA GLU A 36 -3.17 3.41 12.71
C GLU A 36 -3.15 3.65 11.21
N LYS A 37 -2.45 4.69 10.80
CA LYS A 37 -2.30 5.00 9.39
C LYS A 37 -0.83 5.02 9.01
N PHE A 38 -0.56 4.65 7.77
CA PHE A 38 0.78 4.66 7.20
C PHE A 38 0.81 5.45 5.90
N GLY A 39 1.93 6.14 5.66
CA GLY A 39 2.18 6.82 4.42
C GLY A 39 2.67 8.24 4.65
N PRO A 40 2.50 9.14 3.65
CA PRO A 40 1.83 8.95 2.38
C PRO A 40 2.55 8.07 1.37
N TYR A 41 1.76 7.38 0.55
CA TYR A 41 2.26 6.74 -0.66
C TYR A 41 3.02 7.75 -1.52
N MET A 42 4.24 7.36 -1.93
CA MET A 42 5.11 8.29 -2.65
C MET A 42 5.34 7.78 -4.06
N GLY A 43 5.65 8.71 -4.95
CA GLY A 43 5.88 8.37 -6.33
C GLY A 43 5.75 9.58 -7.23
N GLU A 44 5.86 9.30 -8.52
CA GLU A 44 5.76 10.34 -9.53
C GLU A 44 4.29 10.61 -9.84
N GLN A 45 3.95 11.90 -9.90
CA GLN A 45 2.62 12.36 -10.26
C GLN A 45 2.45 12.19 -11.77
N ARG A 46 1.44 11.44 -12.20
CA ARG A 46 1.15 11.18 -13.60
C ARG A 46 -0.33 11.43 -13.89
N SER A 47 -0.66 11.53 -15.18
CA SER A 47 -2.04 11.78 -15.58
C SER A 47 -2.92 10.54 -15.48
N ASP A 48 -2.35 9.35 -15.65
CA ASP A 48 -3.09 8.09 -15.52
C ASP A 48 -2.11 6.97 -15.19
N LEU A 49 -2.63 5.76 -15.04
CA LEU A 49 -1.85 4.56 -14.77
C LEU A 49 -2.10 3.52 -15.86
N LYS A 50 -1.65 3.81 -17.09
CA LYS A 50 -1.83 2.88 -18.20
C LYS A 50 -1.20 1.53 -17.88
N ASP A 51 0.04 1.54 -17.40
CA ASP A 51 0.63 0.36 -16.77
C ASP A 51 0.17 0.33 -15.32
N SER A 52 -0.76 -0.59 -14.99
CA SER A 52 -1.38 -0.62 -13.67
C SER A 52 -0.32 -0.62 -12.57
N SER A 53 0.58 -1.61 -12.60
CA SER A 53 1.86 -1.51 -11.90
C SER A 53 1.62 -1.24 -10.41
N TYR A 54 2.25 -0.20 -9.84
CA TYR A 54 2.10 0.16 -8.43
C TYR A 54 1.64 1.62 -8.40
N GLY A 55 0.45 1.88 -7.86
CA GLY A 55 -0.02 3.26 -7.90
C GLY A 55 -1.48 3.41 -7.52
N TRP A 56 -1.88 4.67 -7.40
CA TRP A 56 -3.18 5.03 -6.87
C TRP A 56 -3.65 6.31 -7.54
N GLU A 57 -4.97 6.40 -7.76
CA GLU A 57 -5.57 7.63 -8.25
C GLU A 57 -5.94 8.51 -7.06
N ILE A 58 -5.72 9.81 -7.21
CA ILE A 58 -6.21 10.83 -6.28
C ILE A 58 -7.44 11.47 -6.90
N LEU A 59 -8.50 11.62 -6.12
CA LEU A 59 -9.78 12.00 -6.68
C LEU A 59 -10.23 13.36 -6.16
N ASP A 60 -11.04 14.05 -6.96
CA ASP A 60 -11.60 15.35 -6.59
C ASP A 60 -12.94 15.20 -5.86
N GLU A 61 -13.62 16.33 -5.65
CA GLU A 61 -14.97 16.34 -5.11
C GLU A 61 -15.82 15.21 -5.64
N PHE A 62 -15.87 15.07 -6.97
CA PHE A 62 -16.83 14.24 -7.67
C PHE A 62 -16.31 12.85 -8.00
N CYS A 63 -15.29 12.38 -7.30
CA CYS A 63 -14.77 11.02 -7.49
C CYS A 63 -14.17 10.81 -8.87
N ASN A 64 -13.83 11.89 -9.57
CA ASN A 64 -13.05 11.78 -10.79
C ASN A 64 -11.59 12.09 -10.52
N VAL A 65 -10.72 11.55 -11.36
CA VAL A 65 -9.28 11.58 -11.12
C VAL A 65 -8.76 13.00 -11.26
N LYS A 66 -8.09 13.47 -10.21
CA LYS A 66 -7.33 14.72 -10.30
C LYS A 66 -5.95 14.45 -10.87
N PHE A 67 -5.27 13.42 -10.38
CA PHE A 67 -4.00 12.95 -10.90
C PHE A 67 -3.74 11.59 -10.26
N CYS A 68 -2.67 10.94 -10.68
CA CYS A 68 -2.28 9.64 -10.14
C CYS A 68 -0.87 9.69 -9.57
N ILE A 69 -0.60 8.78 -8.65
CA ILE A 69 0.72 8.64 -8.04
CA ILE A 69 0.72 8.62 -8.03
C ILE A 69 1.25 7.25 -8.43
N ASP A 70 2.30 7.24 -9.23
CA ASP A 70 2.83 6.02 -9.84
C ASP A 70 4.20 5.72 -9.25
N ALA A 71 4.36 4.50 -8.74
CA ALA A 71 5.63 3.99 -8.26
C ALA A 71 6.09 2.79 -9.10
N SER A 72 5.75 2.78 -10.38
CA SER A 72 6.25 1.80 -11.34
C SER A 72 7.74 1.54 -11.19
N GLN A 73 8.55 2.60 -11.32
CA GLN A 73 9.98 2.45 -11.47
C GLN A 73 10.65 2.06 -10.15
N PRO A 74 11.70 1.23 -10.22
CA PRO A 74 12.19 0.56 -9.01
C PRO A 74 12.77 1.48 -7.95
N ASP A 75 13.39 2.59 -8.37
CA ASP A 75 13.97 3.57 -7.48
C ASP A 75 12.97 4.57 -6.90
N VAL A 76 11.71 4.59 -7.37
CA VAL A 76 10.74 5.58 -6.91
C VAL A 76 9.77 4.90 -5.96
N GLY A 77 9.31 5.66 -4.97
CA GLY A 77 8.30 5.21 -4.04
C GLY A 77 8.84 5.11 -2.63
N SER A 78 7.96 4.65 -1.74
CA SER A 78 8.30 4.38 -0.36
C SER A 78 8.05 2.90 -0.07
N TRP A 79 8.39 2.48 1.15
CA TRP A 79 8.17 1.10 1.55
C TRP A 79 6.71 0.66 1.36
N LEU A 80 5.74 1.59 1.30
CA LEU A 80 4.35 1.20 1.10
C LEU A 80 4.14 0.52 -0.24
N LYS A 81 4.98 0.81 -1.22
CA LYS A 81 4.84 0.19 -2.53
C LYS A 81 4.96 -1.31 -2.47
N TYR A 82 5.61 -1.86 -1.44
CA TYR A 82 5.80 -3.30 -1.35
C TYR A 82 4.68 -4.03 -0.62
N ILE A 83 3.70 -3.32 -0.04
CA ILE A 83 2.57 -3.98 0.61
C ILE A 83 1.67 -4.61 -0.46
N ARG A 84 1.39 -5.91 -0.32
CA ARG A 84 0.70 -6.65 -1.36
C ARG A 84 -0.81 -6.66 -1.08
N PHE A 85 -1.57 -7.23 -2.00
CA PHE A 85 -3.04 -7.22 -1.94
C PHE A 85 -3.51 -8.61 -1.55
N ALA A 86 -4.47 -8.66 -0.62
CA ALA A 86 -5.14 -9.91 -0.27
C ALA A 86 -5.81 -10.54 -1.49
N GLY A 87 -5.97 -11.86 -1.44
CA GLY A 87 -6.66 -12.56 -2.49
C GLY A 87 -8.11 -12.92 -2.12
N CYS A 88 -8.41 -12.96 -0.82
CA CYS A 88 -9.70 -13.42 -0.28
C CYS A 88 -10.40 -12.32 0.50
N TYR A 89 -11.73 -12.46 0.65
CA TYR A 89 -12.47 -11.56 1.52
C TYR A 89 -11.99 -11.70 2.96
N ASP A 90 -11.90 -10.57 3.68
CA ASP A 90 -11.43 -10.52 5.09
C ASP A 90 -10.04 -11.12 5.32
N GLN A 91 -9.26 -11.27 4.27
CA GLN A 91 -7.86 -11.61 4.40
C GLN A 91 -6.98 -10.38 4.61
N HIS A 92 -7.49 -9.21 4.31
CA HIS A 92 -6.73 -7.96 4.35
C HIS A 92 -6.77 -7.35 5.75
N ASN A 93 -5.81 -6.47 6.00
CA ASN A 93 -5.80 -5.69 7.22
C ASN A 93 -5.63 -4.19 6.96
N LEU A 94 -5.58 -3.77 5.69
CA LEU A 94 -5.41 -2.36 5.34
C LEU A 94 -6.40 -1.96 4.26
N VAL A 95 -6.81 -0.70 4.28
CA VAL A 95 -7.50 -0.06 3.15
C VAL A 95 -6.83 1.27 2.84
N ALA A 96 -6.81 1.63 1.57
CA ALA A 96 -6.40 2.97 1.19
C ALA A 96 -7.47 3.99 1.58
N CYS A 97 -7.00 5.20 1.90
CA CYS A 97 -7.86 6.36 2.11
C CYS A 97 -7.10 7.58 1.63
N GLN A 98 -7.81 8.68 1.40
CA GLN A 98 -7.21 9.85 0.78
C GLN A 98 -7.36 11.03 1.72
N ILE A 99 -6.24 11.69 2.01
CA ILE A 99 -6.20 12.83 2.94
C ILE A 99 -5.30 13.89 2.34
N ASN A 100 -5.83 15.10 2.15
CA ASN A 100 -5.07 16.19 1.55
C ASN A 100 -4.37 15.73 0.27
N ASP A 101 -5.13 15.04 -0.58
CA ASP A 101 -4.65 14.64 -1.91
C ASP A 101 -3.44 13.72 -1.85
N GLN A 102 -3.30 12.99 -0.75
CA GLN A 102 -2.31 11.92 -0.60
C GLN A 102 -3.00 10.65 -0.16
N ILE A 103 -2.40 9.52 -0.49
CA ILE A 103 -2.91 8.20 -0.11
C ILE A 103 -2.19 7.72 1.14
N PHE A 104 -2.97 7.30 2.12
CA PHE A 104 -2.51 6.58 3.30
C PHE A 104 -3.23 5.25 3.39
N TYR A 105 -2.62 4.30 4.09
CA TYR A 105 -3.19 2.99 4.31
C TYR A 105 -3.65 2.96 5.76
N ARG A 106 -4.93 2.63 5.97
CA ARG A 106 -5.52 2.61 7.30
C ARG A 106 -5.69 1.16 7.76
N VAL A 107 -5.32 0.88 9.00
CA VAL A 107 -5.43 -0.46 9.58
C VAL A 107 -6.88 -0.72 9.96
N VAL A 108 -7.45 -1.80 9.43
CA VAL A 108 -8.85 -2.16 9.70
C VAL A 108 -9.00 -3.46 10.47
N ALA A 109 -7.93 -4.24 10.64
CA ALA A 109 -7.94 -5.38 11.56
C ALA A 109 -6.59 -5.40 12.28
N ASP A 110 -6.57 -6.01 13.47
CA ASP A 110 -5.33 -6.07 14.24
C ASP A 110 -4.29 -6.91 13.52
N ILE A 111 -3.03 -6.46 13.58
CA ILE A 111 -1.94 -7.19 12.95
C ILE A 111 -0.97 -7.63 14.04
N ALA A 112 -0.84 -8.94 14.24
CA ALA A 112 0.05 -9.50 15.23
C ALA A 112 1.51 -9.50 14.72
N PRO A 113 2.49 -9.53 15.64
CA PRO A 113 3.88 -9.64 15.20
C PRO A 113 4.09 -10.85 14.30
N GLY A 114 4.85 -10.65 13.24
CA GLY A 114 5.09 -11.72 12.28
C GLY A 114 4.00 -11.97 11.26
N GLU A 115 3.09 -11.03 11.04
CA GLU A 115 2.05 -11.18 10.03
C GLU A 115 2.27 -10.19 8.90
N GLU A 116 1.73 -10.52 7.73
CA GLU A 116 1.93 -9.69 6.54
C GLU A 116 0.90 -8.58 6.47
N LEU A 117 1.35 -7.39 6.07
CA LEU A 117 0.43 -6.28 5.81
C LEU A 117 -0.21 -6.50 4.44
N LEU A 118 -1.57 -6.52 4.40
CA LEU A 118 -2.27 -6.78 3.14
C LEU A 118 -3.43 -5.81 2.93
N LEU A 119 -3.47 -5.22 1.74
CA LEU A 119 -4.55 -4.33 1.34
C LEU A 119 -5.77 -5.14 0.90
N PHE A 120 -6.92 -4.47 0.98
CA PHE A 120 -8.19 -4.95 0.43
C PHE A 120 -8.00 -5.48 -0.98
N MET A 121 -8.53 -6.68 -1.22
CA MET A 121 -8.37 -7.38 -2.48
C MET A 121 -8.79 -6.51 -3.66
N LYS A 122 -8.15 -6.73 -4.81
CA LYS A 122 -8.58 -6.08 -6.04
C LYS A 122 -9.86 -6.75 -6.53
N SER A 123 -10.69 -5.97 -7.23
CA SER A 123 -11.97 -6.44 -7.76
C SER A 123 -11.92 -7.81 -8.45
#